data_3FUS
#
_entry.id   3FUS
#
_cell.length_a   108.048
_cell.length_b   108.048
_cell.length_c   117.701
_cell.angle_alpha   90.00
_cell.angle_beta   90.00
_cell.angle_gamma   90.00
#
_symmetry.space_group_name_H-M   'P 43 21 2'
#
loop_
_entity.id
_entity.type
_entity.pdbx_description
1 polymer 'EXTERIOR MEMBRANE GLYCOPROTEIN GP120'
2 branched beta-D-mannopyranose-(1-3)-beta-D-mannopyranose-(1-4)-2-acetamido-2-deoxy-beta-D-glucopyranose-(1-4)-[beta-L-fucopyranose-(1-6)]2-acetamido-2-deoxy-beta-D-glucopyranose
3 branched alpha-D-mannopyranose-(1-3)-[alpha-D-mannopyranose-(1-6)]beta-D-mannopyranose-(1-4)-2-acetamido-2-deoxy-beta-D-glucopyranose-(1-4)-[beta-L-fucopyranose-(1-6)]2-acetamido-2-deoxy-beta-D-glucopyranose
4 branched 2-acetamido-2-deoxy-beta-D-glucopyranose-(1-4)-[beta-L-fucopyranose-(1-6)]2-acetamido-2-deoxy-beta-D-glucopyranose
5 branched alpha-D-mannopyranose-(1-4)-2-acetamido-2-deoxy-beta-D-glucopyranose-(1-4)-[beta-L-fucopyranose-(1-6)]2-acetamido-2-deoxy-beta-D-glucopyranose
6 branched beta-D-mannopyranose-(1-4)-2-acetamido-2-deoxy-beta-D-glucopyranose-(1-4)-[beta-L-fucopyranose-(1-6)]2-acetamido-2-deoxy-beta-D-glucopyranose
7 branched 2-acetamido-2-deoxy-beta-D-glucopyranose-(1-4)-2-acetamido-2-deoxy-beta-D-glucopyranose
8 branched alpha-D-mannopyranose-(1-3)-beta-D-mannopyranose-(1-6)-beta-D-mannopyranose-(1-4)-2-acetamido-2-deoxy-beta-D-glucopyranose-(1-4)-[beta-L-fucopyranose-(1-6)]2-acetamido-2-deoxy-beta-D-glucopyranose
9 branched beta-D-mannopyranose-(1-2)-alpha-D-mannopyranose-(1-2)-beta-D-mannopyranose-(1-3)-[alpha-D-mannopyranose-(1-6)]beta-D-mannopyranose-(1-4)-2-acetamido-2-deoxy-beta-D-glucopyranose-(1-4)-2-acetamido-2-deoxy-beta-D-glucopyranose
10 branched alpha-D-mannopyranose-(1-2)-alpha-D-mannopyranose-(1-3)-[alpha-D-mannopyranose-(1-6)]beta-D-mannopyranose-(1-4)-2-acetamido-2-deoxy-beta-D-glucopyranose-(1-4)-2-acetamido-2-deoxy-beta-D-glucopyranose
11 branched alpha-D-mannopyranose-(1-6)-beta-D-mannopyranose-(1-4)-2-acetamido-2-deoxy-beta-D-glucopyranose-(1-4)-2-acetamido-2-deoxy-beta-D-glucopyranose
12 non-polymer 2-acetamido-2-deoxy-beta-D-glucopyranose
#
_entity_poly.entity_id   1
_entity_poly.type   'polypeptide(L)'
_entity_poly.pdbx_seq_one_letter_code
;HMELALNVTESFDAWENTVTEQAIEDVWQLFETSIKPCVKLSPLCIGAGHCNTSIIQESCDKHYWDTIRFRYCAPPGYAL
LRCNDTNYSGFMPKCSKVVVSSCTRMMETQTSTWFGFNGTRAENRTYIYWHGRDNRTIISLNKYYNLTMKCRGAGWCWFG
GNWKDAIKEMKQTIVKHPRYTGTNNTDKINLTAPRGGDPEVTFMWTNCRGEFLYCKMNWFLNWVEDRDVTNQRPKERHRR
NYVPCHIRQIINTWHKVGKNVYLPPREGDLTCNSTVTSLIANIDWTDGNQTNITMSAEVAELYRLELGDYKLVEIT
;
_entity_poly.pdbx_strand_id   A
#
loop_
_chem_comp.id
_chem_comp.type
_chem_comp.name
_chem_comp.formula
BMA D-saccharide, beta linking beta-D-mannopyranose 'C6 H12 O6'
FUL L-saccharide, beta linking beta-L-fucopyranose 'C6 H12 O5'
MAN D-saccharide, alpha linking alpha-D-mannopyranose 'C6 H12 O6'
NAG D-saccharide, beta linking 2-acetamido-2-deoxy-beta-D-glucopyranose 'C8 H15 N O6'
#
# COMPACT_ATOMS: atom_id res chain seq x y z
N HIS A 1 27.19 14.23 3.33
CA HIS A 1 26.47 13.87 2.11
C HIS A 1 25.18 13.10 2.44
N MET A 2 25.32 12.15 3.34
CA MET A 2 24.20 11.40 3.79
C MET A 2 24.22 11.41 5.31
N GLU A 3 23.45 12.35 5.86
CA GLU A 3 23.30 12.52 7.31
C GLU A 3 21.83 12.29 7.69
N LEU A 4 21.58 11.47 8.69
CA LEU A 4 20.22 11.13 9.03
C LEU A 4 20.14 10.41 10.36
N ALA A 5 18.97 10.50 10.98
CA ALA A 5 18.71 9.83 12.25
C ALA A 5 17.46 8.93 12.17
N LEU A 6 17.29 8.04 13.17
CA LEU A 6 16.11 7.17 13.31
C LEU A 6 15.35 7.64 14.53
N ASN A 7 14.30 8.43 14.29
CA ASN A 7 13.54 9.10 15.33
C ASN A 7 12.18 9.58 14.80
N VAL A 8 11.26 8.66 14.51
CA VAL A 8 9.94 9.06 13.98
C VAL A 8 8.81 9.11 15.03
N THR A 9 8.20 10.29 15.19
CA THR A 9 7.17 10.54 16.19
C THR A 9 5.78 10.12 15.72
N GLU A 10 4.95 9.70 16.67
CA GLU A 10 3.57 9.36 16.37
C GLU A 10 2.57 9.96 17.33
N SER A 11 1.39 10.28 16.80
CA SER A 11 0.38 11.05 17.51
C SER A 11 -1.01 10.80 16.94
N PHE A 12 -1.74 11.90 16.74
CA PHE A 12 -3.10 11.89 16.26
C PHE A 12 -3.12 12.42 14.81
N ASP A 13 -3.75 13.59 14.56
CA ASP A 13 -3.72 14.30 13.24
C ASP A 13 -4.07 13.47 11.99
N ALA A 14 -4.04 14.12 10.83
CA ALA A 14 -4.25 13.48 9.53
C ALA A 14 -4.21 14.43 8.32
N TRP A 15 -4.68 15.66 8.50
CA TRP A 15 -4.85 16.59 7.38
C TRP A 15 -3.59 17.38 7.09
N GLU A 16 -3.03 18.00 8.14
CA GLU A 16 -1.68 18.53 8.06
C GLU A 16 -0.73 17.38 8.38
N ASN A 17 -1.22 16.44 9.18
CA ASN A 17 -0.57 15.16 9.46
C ASN A 17 0.92 15.24 9.80
N THR A 18 1.69 14.30 9.23
CA THR A 18 3.09 14.07 9.57
C THR A 18 3.89 13.66 8.33
N VAL A 19 5.10 13.15 8.58
CA VAL A 19 5.95 12.59 7.55
C VAL A 19 5.10 11.86 6.49
N THR A 20 4.16 11.03 6.96
CA THR A 20 3.26 10.27 6.07
C THR A 20 2.76 11.15 4.93
N GLU A 21 2.24 12.31 5.28
CA GLU A 21 1.76 13.27 4.28
C GLU A 21 2.89 13.83 3.45
N GLN A 22 3.92 14.36 4.13
CA GLN A 22 5.06 14.91 3.43
C GLN A 22 5.63 13.87 2.45
N ALA A 23 5.61 12.60 2.85
CA ALA A 23 6.08 11.48 2.01
C ALA A 23 5.37 11.40 0.67
N ILE A 24 4.04 11.35 0.70
CA ILE A 24 3.25 11.27 -0.52
C ILE A 24 3.07 12.65 -1.18
N GLU A 25 2.65 13.65 -0.40
CA GLU A 25 2.47 15.03 -0.89
C GLU A 25 3.63 15.44 -1.78
N ASP A 26 4.83 15.03 -1.40
CA ASP A 26 6.01 15.37 -2.17
C ASP A 26 6.48 14.25 -3.06
N VAL A 27 6.08 13.02 -2.77
CA VAL A 27 6.44 11.90 -3.62
C VAL A 27 5.89 12.16 -5.01
N TRP A 28 4.64 12.61 -5.09
CA TRP A 28 4.11 13.02 -6.36
C TRP A 28 4.69 14.33 -6.85
N GLN A 29 5.11 15.21 -5.93
CA GLN A 29 5.85 16.41 -6.34
C GLN A 29 7.03 15.99 -7.19
N LEU A 30 7.60 14.83 -6.84
CA LEU A 30 8.71 14.26 -7.58
C LEU A 30 8.24 13.72 -8.93
N PHE A 31 7.12 12.98 -8.92
CA PHE A 31 6.68 12.25 -10.12
C PHE A 31 6.21 13.09 -11.29
N GLU A 32 6.02 14.39 -11.08
CA GLU A 32 5.82 15.32 -12.20
C GLU A 32 7.13 15.43 -13.00
N THR A 33 8.26 15.14 -12.36
CA THR A 33 9.57 15.42 -12.95
C THR A 33 10.27 14.27 -13.66
N SER A 34 10.53 14.50 -14.94
CA SER A 34 11.27 13.60 -15.82
C SER A 34 11.99 14.43 -16.87
N ILE A 35 11.38 15.56 -17.25
CA ILE A 35 11.90 16.48 -18.27
C ILE A 35 10.92 17.65 -18.44
N LYS A 36 11.33 18.70 -19.18
CA LYS A 36 10.44 19.78 -19.71
C LYS A 36 11.02 21.11 -20.28
N PRO A 37 11.53 22.02 -19.42
CA PRO A 37 11.91 23.38 -19.87
C PRO A 37 13.38 23.65 -20.22
N CYS A 38 14.10 24.36 -19.33
CA CYS A 38 15.46 24.86 -19.61
C CYS A 38 16.05 25.55 -18.35
N VAL A 39 16.03 24.87 -17.20
CA VAL A 39 16.36 25.51 -15.90
C VAL A 39 17.17 24.73 -14.81
N LYS A 40 16.83 24.94 -13.47
CA LYS A 40 17.72 24.43 -12.38
C LYS A 40 17.23 23.81 -11.01
N LEU A 41 16.30 24.42 -10.22
CA LEU A 41 16.10 23.92 -8.81
C LEU A 41 14.73 23.54 -8.21
N SER A 42 14.84 22.61 -7.23
CA SER A 42 13.76 22.01 -6.41
C SER A 42 14.37 21.14 -5.29
N PRO A 43 13.56 20.86 -4.21
CA PRO A 43 13.95 20.23 -2.93
C PRO A 43 14.03 18.72 -2.72
N LEU A 44 14.58 18.38 -1.54
CA LEU A 44 14.75 17.02 -0.96
C LEU A 44 14.53 17.21 0.55
N CYS A 45 14.08 16.17 1.31
CA CYS A 45 13.79 16.41 2.76
C CYS A 45 13.95 15.20 3.71
N ILE A 46 13.23 15.28 4.85
CA ILE A 46 13.16 14.27 5.95
C ILE A 46 14.52 13.99 6.59
N GLY A 47 14.77 14.60 7.76
CA GLY A 47 16.01 14.34 8.43
C GLY A 47 16.36 15.08 9.72
N ALA A 48 16.69 16.37 9.63
CA ALA A 48 17.30 17.09 10.76
C ALA A 48 16.73 18.46 11.16
N GLY A 49 15.49 18.74 10.79
CA GLY A 49 14.85 20.02 11.11
C GLY A 49 15.37 21.13 10.22
N HIS A 50 15.74 20.76 8.99
CA HIS A 50 16.07 21.70 7.92
C HIS A 50 15.68 20.98 6.64
N CYS A 51 15.63 21.71 5.48
CA CYS A 51 15.27 21.01 4.24
C CYS A 51 16.17 21.29 3.01
N ASN A 52 16.36 20.21 2.22
CA ASN A 52 17.22 20.19 1.02
C ASN A 52 16.45 20.47 -0.26
N THR A 53 17.09 21.21 -1.16
CA THR A 53 16.62 21.38 -2.50
C THR A 53 17.65 20.66 -3.33
N SER A 54 17.23 19.94 -4.35
CA SER A 54 18.18 19.29 -5.22
C SER A 54 18.23 20.05 -6.55
N ILE A 55 19.30 20.84 -6.76
CA ILE A 55 19.46 21.58 -8.02
C ILE A 55 20.09 20.66 -9.09
N ILE A 56 19.50 20.68 -10.29
CA ILE A 56 19.93 19.84 -11.41
C ILE A 56 20.55 20.66 -12.53
N GLN A 57 21.26 19.99 -13.43
CA GLN A 57 21.96 20.63 -14.54
C GLN A 57 21.81 19.85 -15.85
N GLU A 58 21.93 20.59 -16.97
CA GLU A 58 21.96 20.05 -18.34
C GLU A 58 21.98 21.22 -19.36
N SER A 59 21.62 20.95 -20.62
CA SER A 59 21.61 21.99 -21.66
C SER A 59 20.20 22.19 -22.21
N CYS A 60 20.07 23.01 -23.26
CA CYS A 60 18.77 23.31 -23.87
C CYS A 60 18.79 23.18 -25.39
N PHE A 70 18.49 7.97 -26.44
CA PHE A 70 19.28 8.34 -25.27
C PHE A 70 18.64 7.75 -24.02
N ARG A 71 19.46 7.11 -23.19
CA ARG A 71 18.98 6.46 -21.98
C ARG A 71 19.15 7.30 -20.73
N TYR A 72 18.12 7.22 -19.89
CA TYR A 72 18.08 7.88 -18.61
C TYR A 72 17.51 6.82 -17.66
N CYS A 73 17.71 6.96 -16.35
CA CYS A 73 17.08 6.01 -15.41
C CYS A 73 15.61 6.33 -15.18
N ALA A 74 15.34 7.24 -14.23
CA ALA A 74 13.97 7.75 -13.96
C ALA A 74 13.83 8.91 -12.96
N PRO A 75 14.38 8.79 -11.72
CA PRO A 75 14.19 9.85 -10.72
C PRO A 75 15.28 10.93 -10.74
N PRO A 76 14.97 12.14 -11.23
CA PRO A 76 15.99 13.18 -11.26
C PRO A 76 16.37 13.62 -9.84
N GLY A 77 17.19 12.82 -9.16
CA GLY A 77 17.71 13.15 -7.83
C GLY A 77 17.43 12.20 -6.67
N TYR A 78 16.17 11.75 -6.53
CA TYR A 78 15.69 10.99 -5.34
C TYR A 78 16.19 9.53 -5.20
N ALA A 79 16.26 9.04 -3.96
CA ALA A 79 16.85 7.72 -3.63
C ALA A 79 16.27 7.03 -2.38
N LEU A 80 16.72 5.78 -2.16
CA LEU A 80 16.27 4.93 -1.01
C LEU A 80 17.40 4.04 -0.43
N LEU A 81 17.32 3.71 0.87
CA LEU A 81 18.31 2.80 1.55
C LEU A 81 17.83 2.25 2.91
N ARG A 82 18.19 1.00 3.24
CA ARG A 82 17.80 0.39 4.55
C ARG A 82 18.98 0.03 5.49
N CYS A 83 18.65 -0.58 6.65
CA CYS A 83 19.64 -1.16 7.57
C CYS A 83 20.12 -2.55 7.13
N ASN A 84 19.80 -3.58 7.94
CA ASN A 84 20.15 -4.99 7.66
C ASN A 84 19.79 -5.91 8.84
N ASP A 85 20.37 -7.12 8.83
CA ASP A 85 20.31 -8.22 9.84
C ASP A 85 19.08 -9.13 9.93
N THR A 86 18.11 -9.08 8.99
CA THR A 86 17.02 -10.09 9.05
C THR A 86 15.96 -9.93 7.95
N ASN A 87 14.95 -10.80 8.02
CA ASN A 87 13.74 -10.72 7.21
C ASN A 87 13.16 -9.32 7.37
N TYR A 88 12.50 -9.11 8.53
CA TYR A 88 11.81 -7.87 8.89
C TYR A 88 11.10 -8.02 10.26
N SER A 89 10.98 -6.92 11.00
CA SER A 89 10.12 -6.86 12.19
C SER A 89 9.28 -5.60 12.13
N GLY A 90 9.97 -4.46 12.14
CA GLY A 90 9.34 -3.16 12.27
C GLY A 90 10.25 -2.29 13.12
N PHE A 91 9.88 -2.09 14.38
CA PHE A 91 10.59 -1.17 15.26
C PHE A 91 11.32 -1.66 16.52
N MET A 92 11.70 -0.70 17.37
CA MET A 92 12.68 -0.91 18.46
C MET A 92 13.92 -1.63 17.91
N PRO A 93 14.64 -0.97 16.97
CA PRO A 93 15.80 -1.55 16.31
C PRO A 93 17.13 -0.89 16.69
N LYS A 94 17.98 -1.60 17.42
CA LYS A 94 19.33 -1.11 17.70
C LYS A 94 20.16 -1.35 16.44
N CYS A 95 20.05 -0.40 15.50
CA CYS A 95 20.60 -0.55 14.14
C CYS A 95 22.13 -0.51 14.01
N SER A 96 22.61 -0.78 12.80
CA SER A 96 24.04 -0.99 12.53
C SER A 96 24.45 -0.69 11.07
N LYS A 97 24.54 -1.74 10.26
CA LYS A 97 24.99 -1.65 8.86
C LYS A 97 23.92 -0.99 7.98
N VAL A 98 24.36 -0.38 6.88
CA VAL A 98 23.45 0.24 5.90
C VAL A 98 24.00 0.12 4.47
N VAL A 99 23.18 0.45 3.46
CA VAL A 99 23.52 0.12 2.06
C VAL A 99 23.38 1.26 1.03
N VAL A 100 23.59 0.92 -0.24
CA VAL A 100 23.41 1.81 -1.39
C VAL A 100 22.07 1.55 -2.07
N SER A 101 21.60 2.54 -2.84
CA SER A 101 20.42 2.41 -3.71
C SER A 101 19.88 3.79 -4.07
N SER A 102 19.13 3.87 -5.17
CA SER A 102 18.68 5.16 -5.72
C SER A 102 17.55 5.11 -6.76
N CYS A 103 17.88 4.62 -7.95
CA CYS A 103 16.97 4.61 -9.12
C CYS A 103 15.52 4.31 -8.78
N THR A 104 14.60 5.02 -9.40
CA THR A 104 13.17 4.79 -9.17
C THR A 104 12.36 4.97 -10.45
N ARG A 105 11.95 3.85 -11.03
CA ARG A 105 11.22 3.81 -12.30
C ARG A 105 9.74 3.46 -12.12
N MET A 106 9.37 3.23 -10.86
CA MET A 106 8.04 2.76 -10.43
C MET A 106 6.85 2.85 -11.40
N MET A 107 6.47 4.07 -11.79
CA MET A 107 5.30 4.28 -12.64
C MET A 107 5.31 3.32 -13.82
N GLU A 108 6.50 3.09 -14.41
CA GLU A 108 6.63 2.20 -15.56
C GLU A 108 6.10 0.79 -15.28
N THR A 109 6.16 0.35 -14.03
CA THR A 109 5.77 -1.02 -13.68
C THR A 109 4.33 -1.15 -13.13
N GLN A 110 4.16 -2.00 -12.12
CA GLN A 110 2.85 -2.46 -11.68
C GLN A 110 2.61 -2.35 -10.19
N THR A 111 1.38 -1.96 -9.82
CA THR A 111 0.99 -1.83 -8.41
C THR A 111 -0.50 -1.96 -8.09
N SER A 112 -0.84 -1.88 -6.81
CA SER A 112 -2.18 -2.03 -6.28
C SER A 112 -2.27 -1.29 -4.94
N THR A 113 -3.44 -1.26 -4.31
CA THR A 113 -3.57 -0.73 -2.93
C THR A 113 -3.99 -1.88 -2.00
N TRP A 114 -4.06 -3.07 -2.57
CA TRP A 114 -4.53 -4.24 -1.87
C TRP A 114 -3.40 -5.23 -1.69
N PHE A 115 -3.01 -5.91 -2.77
CA PHE A 115 -2.11 -7.05 -2.66
C PHE A 115 -0.78 -6.87 -3.37
N GLY A 116 0.26 -6.51 -2.62
CA GLY A 116 1.64 -6.42 -3.11
C GLY A 116 1.97 -7.57 -4.05
N PHE A 117 2.78 -7.28 -5.07
CA PHE A 117 2.77 -8.13 -6.25
C PHE A 117 3.46 -9.47 -6.23
N ASN A 118 4.61 -9.57 -6.90
CA ASN A 118 5.42 -10.77 -6.84
C ASN A 118 5.68 -11.17 -5.39
N GLY A 119 5.60 -12.47 -5.12
CA GLY A 119 5.65 -13.00 -3.76
C GLY A 119 7.00 -13.05 -3.07
N THR A 120 7.98 -13.65 -3.74
CA THR A 120 9.32 -13.94 -3.18
C THR A 120 9.22 -14.93 -2.01
N ARG A 121 9.54 -16.19 -2.29
CA ARG A 121 9.30 -17.31 -1.39
C ARG A 121 7.97 -17.16 -0.66
N ALA A 122 6.90 -17.09 -1.44
CA ALA A 122 5.55 -17.04 -0.91
C ALA A 122 5.20 -18.38 -0.30
N GLU A 123 5.51 -18.52 0.99
CA GLU A 123 5.42 -19.79 1.69
C GLU A 123 4.00 -20.09 2.10
N ASN A 124 3.62 -21.35 1.90
CA ASN A 124 2.38 -21.89 2.43
C ASN A 124 1.98 -21.24 3.77
N ARG A 125 2.88 -21.29 4.76
CA ARG A 125 2.64 -20.63 6.05
C ARG A 125 2.34 -19.16 5.83
N THR A 126 1.06 -18.84 5.93
CA THR A 126 0.56 -17.49 5.81
C THR A 126 1.25 -16.56 6.82
N TYR A 127 1.87 -15.50 6.31
CA TYR A 127 2.69 -14.60 7.11
C TYR A 127 2.05 -13.26 7.42
N ILE A 128 1.86 -12.98 8.70
CA ILE A 128 1.31 -11.69 9.12
C ILE A 128 2.43 -10.73 9.55
N TYR A 129 3.27 -10.36 8.60
CA TYR A 129 4.36 -9.45 8.90
C TYR A 129 3.89 -8.09 9.34
N TRP A 130 4.47 -7.60 10.43
CA TRP A 130 3.84 -6.50 11.14
C TRP A 130 4.77 -5.47 11.76
N HIS A 131 4.66 -4.24 11.26
CA HIS A 131 5.26 -3.06 11.88
C HIS A 131 4.30 -2.60 12.95
N GLY A 132 4.61 -2.97 14.18
CA GLY A 132 3.80 -2.58 15.31
C GLY A 132 3.88 -1.11 15.62
N ARG A 133 2.79 -0.58 16.15
CA ARG A 133 2.74 0.74 16.77
C ARG A 133 1.68 0.62 17.85
N ASP A 134 1.59 -0.58 18.42
CA ASP A 134 0.57 -0.93 19.39
C ASP A 134 -0.81 -0.97 18.75
N ASN A 135 -1.74 -0.28 19.38
CA ASN A 135 -3.10 -0.15 18.87
C ASN A 135 -3.15 0.25 17.40
N ARG A 136 -2.65 1.46 17.11
CA ARG A 136 -2.86 2.11 15.80
C ARG A 136 -1.67 1.92 14.85
N THR A 137 -1.78 0.96 13.93
CA THR A 137 -0.63 0.45 13.19
C THR A 137 -0.96 -0.10 11.77
N ILE A 138 0.02 -0.74 11.13
CA ILE A 138 -0.11 -1.25 9.77
C ILE A 138 0.44 -2.68 9.72
N ILE A 139 -0.14 -3.52 8.88
CA ILE A 139 0.34 -4.90 8.71
C ILE A 139 0.60 -5.33 7.27
N SER A 140 0.87 -6.62 7.11
CA SER A 140 1.15 -7.25 5.82
C SER A 140 0.99 -8.77 5.93
N LEU A 141 -0.05 -9.31 5.31
CA LEU A 141 -0.22 -10.75 5.27
C LEU A 141 0.35 -11.31 3.97
N ASN A 142 0.69 -12.59 4.00
CA ASN A 142 1.38 -13.25 2.89
C ASN A 142 1.17 -14.76 2.90
N LYS A 143 0.40 -15.25 1.94
CA LYS A 143 0.10 -16.67 1.83
C LYS A 143 0.51 -17.24 0.47
N TYR A 144 0.86 -18.53 0.45
CA TYR A 144 1.21 -19.23 -0.78
C TYR A 144 0.00 -19.29 -1.70
N TYR A 145 -1.12 -19.76 -1.16
CA TYR A 145 -2.34 -20.07 -1.90
C TYR A 145 -2.54 -19.30 -3.19
N ASN A 146 -3.33 -19.87 -4.09
CA ASN A 146 -3.62 -19.24 -5.37
C ASN A 146 -4.48 -17.96 -5.28
N LEU A 147 -3.94 -16.88 -5.84
CA LEU A 147 -4.70 -15.67 -6.22
C LEU A 147 -4.02 -15.02 -7.43
N THR A 148 -4.79 -14.69 -8.46
CA THR A 148 -4.23 -14.03 -9.64
C THR A 148 -5.08 -12.83 -10.05
N MET A 149 -4.41 -11.73 -10.36
CA MET A 149 -5.10 -10.48 -10.66
C MET A 149 -4.64 -9.83 -11.97
N LYS A 150 -5.56 -9.67 -12.92
CA LYS A 150 -5.24 -9.07 -14.22
C LYS A 150 -6.35 -8.15 -14.74
N CYS A 151 -5.96 -6.95 -15.18
CA CYS A 151 -6.92 -5.96 -15.71
C CYS A 151 -6.94 -5.87 -17.25
N ARG A 152 -8.12 -5.55 -17.79
CA ARG A 152 -8.29 -5.33 -19.24
C ARG A 152 -8.69 -3.89 -19.56
N GLY A 153 -8.14 -3.38 -20.67
CA GLY A 153 -8.53 -2.10 -21.30
C GLY A 153 -9.21 -0.99 -20.51
N ALA A 154 -10.44 -0.65 -20.92
CA ALA A 154 -11.20 0.49 -20.38
C ALA A 154 -11.30 0.56 -18.86
N GLY A 155 -11.38 -0.59 -18.19
CA GLY A 155 -11.30 -0.63 -16.73
C GLY A 155 -12.10 -1.71 -16.03
N TRP A 156 -11.79 -2.97 -16.30
CA TRP A 156 -12.45 -4.08 -15.64
C TRP A 156 -11.47 -5.24 -15.46
N CYS A 157 -11.24 -5.63 -14.20
CA CYS A 157 -10.17 -6.56 -13.84
C CYS A 157 -10.61 -7.99 -13.51
N TRP A 158 -9.65 -8.92 -13.59
CA TRP A 158 -9.93 -10.36 -13.59
C TRP A 158 -9.10 -11.09 -12.54
N PHE A 159 -9.52 -12.31 -12.22
CA PHE A 159 -8.92 -13.08 -11.13
C PHE A 159 -8.93 -14.60 -11.30
N GLY A 160 -8.25 -15.26 -10.38
CA GLY A 160 -8.30 -16.71 -10.18
C GLY A 160 -7.78 -16.97 -8.78
N GLY A 161 -8.09 -18.13 -8.20
CA GLY A 161 -7.65 -18.50 -6.84
C GLY A 161 -8.75 -18.54 -5.79
N ASN A 162 -8.46 -19.16 -4.63
CA ASN A 162 -9.49 -19.35 -3.60
C ASN A 162 -9.65 -18.19 -2.62
N TRP A 163 -9.91 -16.97 -3.12
CA TRP A 163 -9.96 -15.78 -2.25
C TRP A 163 -10.91 -15.91 -1.06
N LYS A 164 -11.98 -16.68 -1.22
CA LYS A 164 -12.85 -16.95 -0.08
C LYS A 164 -12.03 -17.66 1.00
N ASP A 165 -11.49 -18.83 0.64
CA ASP A 165 -10.69 -19.61 1.58
C ASP A 165 -9.40 -18.92 1.98
N ALA A 166 -8.66 -18.42 0.99
CA ALA A 166 -7.44 -17.66 1.26
C ALA A 166 -7.73 -16.55 2.26
N ILE A 167 -8.90 -15.95 2.11
CA ILE A 167 -9.39 -15.00 3.10
C ILE A 167 -9.62 -15.70 4.44
N LYS A 168 -10.32 -16.84 4.44
CA LYS A 168 -10.42 -17.63 5.67
C LYS A 168 -9.05 -17.86 6.27
N GLU A 169 -8.06 -18.14 5.44
CA GLU A 169 -6.69 -18.28 5.91
C GLU A 169 -6.30 -17.01 6.62
N MET A 170 -6.39 -15.87 5.93
CA MET A 170 -6.25 -14.57 6.59
C MET A 170 -7.00 -14.57 7.92
N LYS A 171 -8.29 -14.94 7.87
CA LYS A 171 -9.12 -15.03 9.06
C LYS A 171 -8.53 -16.07 10.01
N GLN A 172 -8.09 -17.21 9.48
CA GLN A 172 -7.46 -18.24 10.30
C GLN A 172 -6.06 -17.83 10.76
N THR A 173 -5.45 -16.87 10.05
CA THR A 173 -4.10 -16.39 10.36
C THR A 173 -4.15 -15.24 11.35
N ILE A 174 -5.33 -14.64 11.48
CA ILE A 174 -5.45 -13.40 12.22
C ILE A 174 -6.03 -13.58 13.63
N VAL A 175 -6.48 -14.80 13.94
CA VAL A 175 -7.10 -15.11 15.24
C VAL A 175 -6.08 -15.40 16.36
N LYS A 176 -5.02 -16.14 16.04
CA LYS A 176 -4.12 -16.70 17.05
C LYS A 176 -3.12 -15.75 17.74
N HIS A 177 -3.10 -14.48 17.36
CA HIS A 177 -2.18 -13.51 17.99
C HIS A 177 -2.73 -12.76 19.21
N PRO A 178 -3.92 -12.10 19.06
CA PRO A 178 -4.58 -11.67 20.29
C PRO A 178 -4.90 -12.88 21.15
N ARG A 179 -4.03 -13.16 22.13
CA ARG A 179 -4.26 -14.22 23.10
C ARG A 179 -5.17 -13.65 24.19
N TYR A 180 -6.05 -14.48 24.74
CA TYR A 180 -7.08 -14.03 25.68
C TYR A 180 -6.75 -12.70 26.32
N THR A 181 -7.27 -11.64 25.71
CA THR A 181 -7.00 -10.27 26.12
C THR A 181 -7.21 -10.05 27.61
N GLY A 182 -8.36 -10.50 28.13
CA GLY A 182 -8.64 -10.38 29.57
C GLY A 182 -9.99 -10.96 29.99
N THR A 183 -10.90 -11.12 29.04
CA THR A 183 -12.25 -11.58 29.34
C THR A 183 -12.75 -12.69 28.43
N ASN A 184 -13.90 -13.26 28.81
CA ASN A 184 -14.62 -14.26 28.04
C ASN A 184 -15.45 -13.59 26.96
N ASN A 185 -15.07 -13.80 25.69
CA ASN A 185 -15.58 -12.95 24.59
C ASN A 185 -15.99 -13.63 23.28
N THR A 186 -16.23 -12.79 22.28
CA THR A 186 -16.44 -13.16 20.87
C THR A 186 -16.10 -11.94 20.01
N ASP A 187 -15.97 -12.13 18.71
CA ASP A 187 -15.44 -11.08 17.84
C ASP A 187 -16.10 -10.94 16.47
N LYS A 188 -16.49 -9.71 16.16
CA LYS A 188 -17.20 -9.38 14.93
C LYS A 188 -16.33 -8.49 14.05
N ILE A 189 -16.07 -8.94 12.83
CA ILE A 189 -15.14 -8.24 11.96
C ILE A 189 -15.80 -7.63 10.73
N ASN A 190 -15.51 -6.36 10.53
CA ASN A 190 -16.03 -5.56 9.41
C ASN A 190 -15.04 -4.40 9.08
N LEU A 191 -15.33 -3.58 8.06
CA LEU A 191 -14.31 -2.73 7.38
C LEU A 191 -14.69 -1.25 7.02
N THR A 192 -13.72 -0.33 7.19
CA THR A 192 -13.86 1.12 6.88
C THR A 192 -12.49 1.77 6.60
N ALA A 193 -12.48 2.94 5.96
CA ALA A 193 -11.23 3.62 5.64
C ALA A 193 -11.04 5.06 6.15
N PRO A 194 -11.90 6.01 5.70
CA PRO A 194 -11.61 7.44 5.94
C PRO A 194 -11.78 7.89 7.38
N ARG A 195 -11.41 9.15 7.63
CA ARG A 195 -11.41 9.69 8.98
C ARG A 195 -12.11 11.04 9.05
N GLY A 196 -13.24 11.07 9.73
CA GLY A 196 -13.96 12.31 9.98
C GLY A 196 -15.16 12.57 9.09
N GLY A 197 -15.46 11.60 8.22
CA GLY A 197 -16.61 11.68 7.32
C GLY A 197 -17.04 10.33 6.80
N ASP A 198 -18.33 10.19 6.48
CA ASP A 198 -18.85 8.91 5.97
C ASP A 198 -19.04 8.79 4.46
N PRO A 199 -18.22 7.92 3.81
CA PRO A 199 -18.52 7.49 2.46
C PRO A 199 -19.37 6.22 2.51
N GLU A 200 -18.94 5.16 1.84
CA GLU A 200 -19.60 3.86 1.89
C GLU A 200 -19.04 2.93 0.83
N VAL A 201 -17.89 3.29 0.26
CA VAL A 201 -17.32 2.56 -0.89
C VAL A 201 -15.85 2.10 -0.69
N THR A 202 -15.43 1.10 -1.46
CA THR A 202 -14.16 0.42 -1.27
C THR A 202 -13.29 0.46 -2.53
N PHE A 203 -12.31 1.36 -2.57
CA PHE A 203 -11.55 1.58 -3.78
C PHE A 203 -10.10 1.08 -3.71
N MET A 204 -9.77 0.10 -4.55
CA MET A 204 -8.38 -0.31 -4.81
C MET A 204 -7.92 0.45 -6.05
N TRP A 205 -6.61 0.61 -6.20
CA TRP A 205 -6.02 1.13 -7.44
C TRP A 205 -5.23 0.01 -8.14
N THR A 206 -4.75 0.27 -9.36
CA THR A 206 -3.82 -0.66 -10.01
C THR A 206 -2.87 0.06 -10.97
N ASN A 207 -1.62 -0.34 -10.93
CA ASN A 207 -0.59 0.16 -11.84
C ASN A 207 0.07 -1.01 -12.58
N CYS A 208 0.22 -0.81 -13.87
CA CYS A 208 0.93 -1.67 -14.78
C CYS A 208 0.96 -0.84 -16.05
N ARG A 209 2.12 -0.66 -16.61
CA ARG A 209 2.22 0.08 -17.86
C ARG A 209 2.03 1.59 -17.79
N GLY A 210 2.16 2.20 -16.61
CA GLY A 210 2.09 3.66 -16.56
C GLY A 210 0.77 4.29 -16.14
N GLU A 211 -0.37 3.82 -16.68
CA GLU A 211 -1.67 4.43 -16.35
C GLU A 211 -2.20 4.11 -14.96
N PHE A 212 -2.53 5.17 -14.22
CA PHE A 212 -2.95 5.07 -12.84
C PHE A 212 -4.44 4.81 -12.72
N LEU A 213 -4.81 3.55 -13.01
CA LEU A 213 -6.20 3.12 -13.21
C LEU A 213 -6.93 2.85 -11.88
N TYR A 214 -8.15 3.39 -11.76
CA TYR A 214 -8.95 3.34 -10.52
C TYR A 214 -10.06 2.29 -10.52
N CYS A 215 -10.36 1.71 -9.35
CA CYS A 215 -11.34 0.62 -9.27
C CYS A 215 -12.39 0.72 -8.14
N LYS A 216 -13.67 0.60 -8.54
CA LYS A 216 -14.85 0.60 -7.64
C LYS A 216 -15.16 -0.77 -7.05
N MET A 217 -14.15 -1.39 -6.43
CA MET A 217 -14.22 -2.77 -5.96
C MET A 217 -15.16 -2.89 -4.76
N ASN A 218 -16.24 -3.63 -4.93
CA ASN A 218 -17.28 -3.69 -3.89
C ASN A 218 -17.75 -5.08 -3.54
N TRP A 219 -18.17 -5.84 -4.55
CA TRP A 219 -18.66 -7.21 -4.37
C TRP A 219 -17.58 -8.03 -3.67
N PHE A 220 -16.34 -7.76 -4.06
CA PHE A 220 -15.14 -8.33 -3.44
C PHE A 220 -15.09 -8.04 -1.94
N LEU A 221 -15.61 -6.88 -1.55
CA LEU A 221 -15.45 -6.38 -0.20
C LEU A 221 -16.76 -6.34 0.57
N ASN A 222 -17.61 -7.34 0.33
CA ASN A 222 -18.91 -7.48 0.98
C ASN A 222 -18.86 -8.10 2.39
N TRP A 223 -17.71 -8.66 2.76
CA TRP A 223 -17.60 -9.63 3.89
C TRP A 223 -17.82 -9.16 5.35
N VAL A 224 -18.80 -9.79 6.01
CA VAL A 224 -19.04 -9.67 7.46
C VAL A 224 -18.56 -10.95 8.18
N GLU A 225 -17.92 -10.79 9.33
CA GLU A 225 -17.16 -11.88 9.94
C GLU A 225 -17.33 -12.08 11.43
N ASP A 226 -17.51 -13.35 11.82
CA ASP A 226 -17.74 -13.74 13.22
C ASP A 226 -16.92 -14.98 13.64
N ARG A 227 -16.87 -15.27 14.95
CA ARG A 227 -16.08 -16.39 15.50
C ARG A 227 -16.55 -17.78 15.09
N ASP A 228 -17.75 -18.16 15.52
CA ASP A 228 -18.32 -19.45 15.14
C ASP A 228 -19.72 -19.37 14.59
N VAL A 229 -19.83 -19.61 13.29
CA VAL A 229 -20.99 -19.21 12.48
C VAL A 229 -21.78 -20.42 11.93
N THR A 230 -22.77 -20.14 11.08
CA THR A 230 -23.59 -21.13 10.39
C THR A 230 -24.23 -20.49 9.14
N ASN A 231 -24.47 -21.29 8.10
CA ASN A 231 -25.01 -20.77 6.85
C ASN A 231 -26.10 -21.58 6.15
N GLN A 232 -26.63 -22.60 6.84
CA GLN A 232 -27.73 -23.41 6.30
C GLN A 232 -29.01 -22.60 6.13
N ARG A 233 -29.59 -22.14 7.24
CA ARG A 233 -30.80 -21.32 7.19
C ARG A 233 -30.59 -19.83 6.90
N PRO A 234 -29.34 -19.32 7.07
CA PRO A 234 -28.90 -18.09 6.39
C PRO A 234 -29.09 -18.06 4.85
N LYS A 235 -28.71 -16.93 4.24
CA LYS A 235 -29.12 -16.54 2.88
C LYS A 235 -28.13 -16.93 1.78
N GLU A 236 -28.68 -17.24 0.60
CA GLU A 236 -27.89 -17.65 -0.56
C GLU A 236 -28.36 -17.02 -1.87
N ARG A 237 -27.42 -16.38 -2.56
CA ARG A 237 -27.67 -15.81 -3.88
C ARG A 237 -26.44 -16.13 -4.75
N HIS A 238 -26.60 -16.15 -6.06
CA HIS A 238 -25.46 -16.44 -6.94
C HIS A 238 -24.77 -15.27 -7.59
N ARG A 239 -23.86 -14.66 -6.82
CA ARG A 239 -23.10 -13.49 -7.27
C ARG A 239 -21.67 -13.85 -7.72
N ARG A 240 -21.17 -13.06 -8.66
CA ARG A 240 -19.83 -13.27 -9.22
C ARG A 240 -19.07 -11.94 -9.38
N ASN A 241 -17.87 -11.99 -9.94
CA ASN A 241 -16.96 -10.85 -9.87
C ASN A 241 -16.08 -10.45 -11.03
N TYR A 242 -15.84 -9.14 -11.09
CA TYR A 242 -14.97 -8.46 -12.05
C TYR A 242 -14.61 -7.18 -11.29
N VAL A 243 -14.11 -6.15 -11.97
CA VAL A 243 -13.87 -4.87 -11.30
C VAL A 243 -14.35 -3.69 -12.14
N PRO A 244 -15.23 -2.85 -11.58
CA PRO A 244 -15.78 -1.72 -12.32
C PRO A 244 -14.83 -0.56 -12.16
N CYS A 245 -13.66 -0.70 -12.76
CA CYS A 245 -12.65 0.32 -12.68
C CYS A 245 -12.98 1.39 -13.70
N HIS A 246 -12.89 2.64 -13.28
CA HIS A 246 -12.85 3.72 -14.25
C HIS A 246 -11.66 4.63 -14.02
N ILE A 247 -10.71 4.56 -14.97
CA ILE A 247 -9.42 5.23 -14.88
C ILE A 247 -9.62 6.66 -14.43
N ARG A 248 -8.83 7.10 -13.47
CA ARG A 248 -8.94 8.47 -13.00
C ARG A 248 -7.57 9.11 -12.99
N GLN A 249 -7.07 9.44 -14.18
CA GLN A 249 -5.78 10.12 -14.35
C GLN A 249 -5.75 11.35 -13.45
N ILE A 250 -6.85 12.10 -13.49
CA ILE A 250 -7.17 13.13 -12.51
C ILE A 250 -7.64 12.39 -11.24
N ILE A 251 -6.81 12.43 -10.20
CA ILE A 251 -6.89 11.47 -9.10
C ILE A 251 -7.82 11.86 -7.94
N ASN A 252 -9.10 11.47 -8.06
CA ASN A 252 -10.04 11.55 -6.95
C ASN A 252 -9.43 10.75 -5.81
N THR A 253 -9.43 11.30 -4.61
CA THR A 253 -8.63 10.70 -3.52
C THR A 253 -9.42 9.90 -2.48
N TRP A 254 -8.80 8.81 -2.02
CA TRP A 254 -9.42 7.87 -1.08
C TRP A 254 -9.51 8.39 0.33
N HIS A 255 -8.37 8.45 1.02
CA HIS A 255 -8.26 8.89 2.41
C HIS A 255 -8.73 10.34 2.66
N LYS A 256 -9.13 11.02 1.58
CA LYS A 256 -9.74 12.34 1.63
C LYS A 256 -10.17 12.70 0.20
N VAL A 257 -11.40 13.17 0.02
CA VAL A 257 -11.95 13.45 -1.32
C VAL A 257 -11.22 14.63 -1.99
N GLY A 258 -10.02 14.34 -2.50
CA GLY A 258 -9.16 15.31 -3.21
C GLY A 258 -8.70 14.77 -4.55
N LYS A 259 -7.63 15.33 -5.11
CA LYS A 259 -7.23 15.01 -6.49
C LYS A 259 -5.73 15.05 -6.84
N ASN A 260 -5.32 14.19 -7.79
CA ASN A 260 -3.95 14.18 -8.38
C ASN A 260 -4.00 13.93 -9.90
N VAL A 261 -2.84 13.74 -10.53
CA VAL A 261 -2.73 13.44 -11.98
C VAL A 261 -1.31 12.97 -12.35
N TYR A 262 -1.13 12.46 -13.58
CA TYR A 262 0.22 12.13 -14.15
C TYR A 262 0.52 12.12 -15.66
N LEU A 263 1.75 11.75 -16.03
CA LEU A 263 2.18 11.80 -17.44
C LEU A 263 2.83 10.51 -17.94
N PRO A 264 2.01 9.49 -18.25
CA PRO A 264 2.50 8.17 -18.67
C PRO A 264 2.49 7.90 -20.18
N PRO A 265 3.48 7.13 -20.68
CA PRO A 265 3.31 6.51 -22.01
C PRO A 265 2.27 5.39 -21.94
N ARG A 266 2.14 4.64 -23.03
CA ARG A 266 1.11 3.60 -23.16
C ARG A 266 1.46 2.63 -24.28
N GLU A 267 0.75 1.50 -24.32
CA GLU A 267 0.87 0.53 -25.41
C GLU A 267 -0.48 0.21 -26.07
N GLY A 268 -1.17 1.27 -26.51
CA GLY A 268 -2.46 1.17 -27.18
C GLY A 268 -3.34 0.10 -26.56
N ASP A 269 -3.37 -1.06 -27.20
CA ASP A 269 -4.14 -2.20 -26.70
C ASP A 269 -3.41 -2.88 -25.54
N LEU A 270 -3.35 -2.18 -24.41
CA LEU A 270 -2.80 -2.73 -23.18
C LEU A 270 -3.83 -3.55 -22.43
N THR A 271 -3.39 -4.69 -21.90
CA THR A 271 -4.22 -5.50 -21.01
C THR A 271 -3.39 -5.79 -19.76
N CYS A 272 -3.59 -4.96 -18.75
CA CYS A 272 -2.86 -5.05 -17.49
C CYS A 272 -2.89 -6.41 -16.81
N ASN A 273 -1.71 -6.95 -16.48
CA ASN A 273 -1.58 -8.19 -15.71
C ASN A 273 -0.76 -7.95 -14.44
N SER A 274 -0.99 -8.77 -13.42
CA SER A 274 -0.29 -8.65 -12.13
C SER A 274 -0.16 -9.94 -11.30
N THR A 275 1.02 -10.12 -10.71
CA THR A 275 1.30 -11.18 -9.73
C THR A 275 0.82 -10.72 -8.36
N VAL A 276 0.49 -11.68 -7.52
CA VAL A 276 -0.17 -11.36 -6.25
C VAL A 276 0.56 -11.91 -5.05
N THR A 277 0.05 -11.53 -3.87
CA THR A 277 0.49 -12.06 -2.58
C THR A 277 0.21 -11.04 -1.50
N SER A 278 1.02 -9.98 -1.50
CA SER A 278 1.17 -9.07 -0.38
C SER A 278 -0.10 -8.30 -0.03
N LEU A 279 -1.06 -9.03 0.49
CA LEU A 279 -2.33 -8.50 0.96
C LEU A 279 -2.05 -7.67 2.21
N ILE A 280 -2.60 -6.46 2.26
CA ILE A 280 -2.30 -5.54 3.34
C ILE A 280 -3.52 -5.04 4.11
N ALA A 281 -3.25 -4.43 5.26
CA ALA A 281 -4.25 -3.73 6.08
C ALA A 281 -3.64 -2.85 7.18
N ASN A 282 -4.47 -1.94 7.68
CA ASN A 282 -4.09 -1.00 8.72
C ASN A 282 -5.14 -1.22 9.80
N ILE A 283 -5.01 -2.31 10.55
CA ILE A 283 -6.02 -2.69 11.54
C ILE A 283 -6.14 -1.72 12.71
N ASP A 284 -7.37 -1.27 12.98
CA ASP A 284 -7.65 -0.35 14.07
C ASP A 284 -8.43 -1.05 15.18
N TRP A 285 -7.71 -1.48 16.22
CA TRP A 285 -8.31 -2.17 17.35
C TRP A 285 -8.27 -1.36 18.66
N THR A 286 -8.39 -0.02 18.56
CA THR A 286 -8.31 0.87 19.72
C THR A 286 -9.43 0.61 20.74
N ASP A 287 -9.08 0.67 22.03
CA ASP A 287 -9.92 0.20 23.14
C ASP A 287 -11.43 0.42 23.01
N GLY A 288 -12.20 -0.63 23.30
CA GLY A 288 -13.65 -0.60 23.16
C GLY A 288 -14.16 -1.75 22.30
N ASN A 289 -15.04 -1.43 21.35
CA ASN A 289 -15.53 -2.43 20.38
C ASN A 289 -14.97 -2.14 18.97
N GLN A 290 -13.64 -2.10 18.82
CA GLN A 290 -12.98 -1.76 17.53
C GLN A 290 -11.96 -2.81 17.03
N THR A 291 -12.21 -3.40 15.85
CA THR A 291 -11.20 -4.23 15.15
C THR A 291 -11.25 -3.89 13.65
N ASN A 292 -10.72 -2.71 13.33
CA ASN A 292 -10.96 -2.05 12.05
C ASN A 292 -9.90 -2.27 10.97
N ILE A 293 -10.22 -3.12 9.99
CA ILE A 293 -9.37 -3.33 8.80
C ILE A 293 -9.42 -2.09 7.93
N THR A 294 -8.36 -1.84 7.17
CA THR A 294 -8.33 -0.72 6.24
C THR A 294 -7.82 -1.17 4.87
N MET A 295 -6.90 -0.42 4.24
CA MET A 295 -6.44 -0.73 2.89
C MET A 295 -5.63 0.36 2.17
N SER A 296 -5.11 1.33 2.92
CA SER A 296 -4.38 2.44 2.33
C SER A 296 -2.88 2.33 2.57
N ALA A 297 -2.17 1.67 1.65
CA ALA A 297 -0.71 1.48 1.72
C ALA A 297 -0.06 1.58 0.34
N GLU A 298 0.83 2.57 0.16
CA GLU A 298 1.25 2.99 -1.18
C GLU A 298 2.76 2.86 -1.51
N VAL A 299 3.22 3.67 -2.46
CA VAL A 299 4.62 3.73 -2.98
C VAL A 299 5.72 3.35 -2.00
N ALA A 300 5.55 3.80 -0.76
CA ALA A 300 6.50 3.54 0.33
C ALA A 300 6.57 2.06 0.68
N GLU A 301 5.49 1.34 0.41
CA GLU A 301 5.36 -0.10 0.67
C GLU A 301 6.04 -0.90 -0.43
N LEU A 302 6.05 -0.35 -1.65
CA LEU A 302 6.71 -0.96 -2.83
C LEU A 302 8.09 -1.45 -2.46
N TYR A 303 8.88 -0.54 -1.92
CA TYR A 303 10.21 -0.88 -1.52
C TYR A 303 10.23 -1.44 -0.10
N ARG A 304 9.34 -0.94 0.76
CA ARG A 304 9.04 -1.52 2.08
C ARG A 304 8.66 -2.99 1.93
N LEU A 305 8.53 -3.42 0.67
CA LEU A 305 8.20 -4.81 0.31
C LEU A 305 9.43 -5.73 0.23
N GLU A 306 10.54 -5.21 -0.28
CA GLU A 306 11.79 -5.98 -0.49
C GLU A 306 12.70 -5.85 0.73
N LEU A 307 12.82 -4.61 1.19
CA LEU A 307 13.72 -4.25 2.28
C LEU A 307 13.20 -4.85 3.57
N GLY A 308 12.39 -4.05 4.24
CA GLY A 308 11.70 -4.38 5.46
C GLY A 308 10.98 -3.09 5.77
N ASP A 309 11.69 -1.99 5.59
CA ASP A 309 11.19 -0.65 5.89
C ASP A 309 11.94 0.37 5.03
N TYR A 310 11.23 1.26 4.35
CA TYR A 310 11.90 2.25 3.51
C TYR A 310 12.68 3.22 4.36
N LYS A 311 13.71 3.80 3.76
CA LYS A 311 14.31 5.05 4.21
C LYS A 311 14.73 5.79 2.95
N LEU A 312 14.01 6.85 2.63
CA LEU A 312 14.35 7.73 1.52
C LEU A 312 15.10 8.92 2.09
N VAL A 313 14.93 10.10 1.50
CA VAL A 313 15.57 11.36 1.95
C VAL A 313 16.40 11.96 0.83
C1 NAG B . 12.92 -14.83 9.40
C2 NAG B . 13.43 -15.51 10.66
C3 NAG B . 14.68 -16.37 10.37
C4 NAG B . 14.47 -17.36 9.20
C5 NAG B . 13.75 -16.61 8.07
C6 NAG B . 13.42 -17.44 6.84
C7 NAG B . 13.69 -14.58 12.92
C8 NAG B . 14.17 -13.41 13.72
N2 NAG B . 13.84 -14.46 11.60
O3 NAG B . 15.13 -17.03 11.57
O4 NAG B . 15.71 -17.86 8.66
O5 NAG B . 12.58 -15.90 8.51
O6 NAG B . 13.69 -18.81 7.09
O7 NAG B . 13.20 -15.57 13.46
C1 NAG B . 16.22 -19.12 9.21
C2 NAG B . 17.57 -19.41 8.51
C3 NAG B . 18.72 -20.03 9.34
C4 NAG B . 18.52 -20.03 10.86
C5 NAG B . 17.03 -20.19 11.21
C6 NAG B . 16.73 -20.23 12.70
C7 NAG B . 16.65 -19.74 6.28
C8 NAG B . 16.03 -20.80 5.40
N2 NAG B . 17.33 -20.21 7.32
O3 NAG B . 19.96 -19.41 9.03
O4 NAG B . 19.33 -21.03 11.44
O5 NAG B . 16.31 -19.11 10.63
O6 NAG B . 15.85 -19.18 13.07
O7 NAG B . 16.53 -18.54 6.02
C1 BMA B . 20.36 -20.42 12.25
C2 BMA B . 20.15 -20.72 13.74
C3 BMA B . 21.23 -20.03 14.56
C4 BMA B . 22.63 -20.38 14.04
C5 BMA B . 22.66 -19.88 12.59
C6 BMA B . 24.05 -19.85 11.95
O2 BMA B . 20.20 -22.12 14.02
O3 BMA B . 21.07 -20.29 15.97
O4 BMA B . 23.67 -19.77 14.82
O5 BMA B . 21.70 -20.62 11.81
O6 BMA B . 24.67 -18.58 12.21
C1 BMA B . 20.65 -19.10 16.69
C2 BMA B . 21.74 -18.04 16.97
C3 BMA B . 21.22 -16.89 17.82
C4 BMA B . 19.84 -16.42 17.36
C5 BMA B . 18.88 -17.61 17.13
C6 BMA B . 17.53 -17.15 16.60
O2 BMA B . 22.33 -17.51 15.79
O3 BMA B . 22.13 -15.81 17.78
O4 BMA B . 19.30 -15.53 18.33
O5 BMA B . 19.44 -18.52 16.21
O6 BMA B . 17.03 -18.13 15.71
C1 FUL B . 12.46 -19.53 6.89
C2 FUL B . 12.22 -20.35 8.16
O2 FUL B . 12.12 -19.50 9.31
C3 FUL B . 10.92 -21.13 7.98
O3 FUL B . 10.64 -21.84 9.19
C4 FUL B . 11.02 -22.06 6.78
O4 FUL B . 11.94 -23.13 7.07
C5 FUL B . 11.43 -21.27 5.51
C6 FUL B . 11.77 -22.16 4.32
O5 FUL B . 12.50 -20.35 5.71
C1 NAG C . 6.93 -10.90 -11.22
C2 NAG C . 7.07 -9.93 -12.39
C3 NAG C . 6.49 -10.51 -13.68
C4 NAG C . 6.38 -12.04 -13.75
C5 NAG C . 6.91 -12.84 -12.55
C6 NAG C . 7.96 -13.83 -13.02
C7 NAG C . 7.31 -7.82 -11.27
C8 NAG C . 6.62 -6.92 -10.29
N2 NAG C . 6.56 -8.61 -12.04
O3 NAG C . 7.33 -10.10 -14.74
O4 NAG C . 5.03 -12.39 -13.94
O5 NAG C . 7.59 -12.07 -11.59
O6 NAG C . 9.12 -13.52 -12.27
O7 NAG C . 8.54 -7.82 -11.31
C1 NAG C . 4.89 -13.02 -15.23
C2 NAG C . 4.10 -14.33 -15.17
C3 NAG C . 3.99 -14.97 -16.57
C4 NAG C . 3.87 -14.01 -17.78
C5 NAG C . 4.54 -12.65 -17.53
C6 NAG C . 4.13 -11.57 -18.54
C7 NAG C . 4.08 -16.27 -13.58
C8 NAG C . 4.45 -16.44 -12.14
N2 NAG C . 4.70 -15.27 -14.22
O3 NAG C . 2.99 -15.99 -16.60
O4 NAG C . 4.52 -14.59 -18.91
O5 NAG C . 4.35 -12.15 -16.21
O6 NAG C . 5.28 -10.93 -19.05
O7 NAG C . 3.26 -17.05 -14.11
C1 BMA C . 3.79 -15.62 -19.61
C2 BMA C . 4.48 -15.81 -20.97
C3 BMA C . 4.61 -17.24 -21.52
C4 BMA C . 4.49 -18.33 -20.46
C5 BMA C . 3.34 -18.03 -19.51
C6 BMA C . 3.09 -19.11 -18.45
O2 BMA C . 5.75 -15.14 -20.99
O3 BMA C . 5.90 -17.36 -22.14
O4 BMA C . 4.34 -19.60 -21.14
O5 BMA C . 3.69 -16.82 -18.82
O6 BMA C . 1.99 -19.98 -18.80
C1 MAN C . 5.85 -17.68 -23.56
C2 MAN C . 7.28 -18.03 -23.95
C3 MAN C . 8.14 -16.80 -23.66
C4 MAN C . 7.64 -15.56 -24.42
C5 MAN C . 6.11 -15.42 -24.44
C6 MAN C . 5.69 -14.63 -25.68
O2 MAN C . 7.31 -18.36 -25.33
O3 MAN C . 9.50 -17.06 -23.94
O4 MAN C . 8.19 -14.42 -23.80
O5 MAN C . 5.39 -16.65 -24.41
O6 MAN C . 5.60 -15.50 -26.79
C1 MAN C . 2.49 -21.32 -19.03
C2 MAN C . 2.52 -21.65 -20.52
C3 MAN C . 1.27 -22.36 -21.03
C4 MAN C . 0.87 -23.46 -20.07
C5 MAN C . 0.69 -22.88 -18.67
C6 MAN C . 0.21 -23.95 -17.71
O2 MAN C . 3.68 -22.40 -20.79
O3 MAN C . 1.51 -22.93 -22.29
O4 MAN C . -0.34 -24.02 -20.52
O5 MAN C . 1.92 -22.34 -18.21
O6 MAN C . 1.33 -24.57 -17.09
C1 FUL C . 10.03 -14.62 -12.27
C2 FUL C . 10.18 -15.14 -10.85
O2 FUL C . 8.91 -15.65 -10.42
C3 FUL C . 11.24 -16.23 -10.73
O3 FUL C . 11.79 -16.15 -9.40
C4 FUL C . 12.36 -16.22 -11.80
O4 FUL C . 13.63 -15.80 -11.26
C5 FUL C . 12.05 -15.44 -13.09
C6 FUL C . 13.29 -15.07 -13.89
O5 FUL C . 11.31 -14.27 -12.77
C1 NAG D . 1.85 -26.04 4.50
C2 NAG D . 0.82 -27.06 4.02
C3 NAG D . -0.46 -26.84 4.83
C4 NAG D . -0.13 -27.13 6.30
C5 NAG D . 0.97 -26.13 6.73
C6 NAG D . 1.46 -26.21 8.17
C7 NAG D . 1.43 -26.64 1.64
C8 NAG D . 0.86 -26.34 0.29
N2 NAG D . 0.52 -26.77 2.61
O3 NAG D . -1.59 -27.59 4.35
O4 NAG D . -1.32 -27.08 7.13
O5 NAG D . 2.13 -26.28 5.89
O6 NAG D . 0.60 -25.42 8.99
O7 NAG D . 2.64 -26.75 1.78
C1 NAG D . -1.56 -28.39 7.70
C2 NAG D . -1.18 -28.38 9.18
C3 NAG D . -1.98 -29.33 10.08
C4 NAG D . -2.53 -30.55 9.34
C5 NAG D . -2.96 -30.28 7.89
C6 NAG D . -4.36 -30.85 7.62
C7 NAG D . 1.10 -29.43 9.11
C8 NAG D . 1.79 -30.11 10.26
N2 NAG D . 0.26 -28.44 9.44
O3 NAG D . -3.04 -28.62 10.70
O4 NAG D . -1.56 -31.59 9.39
O5 NAG D . -2.87 -28.90 7.53
O6 NAG D . -4.33 -32.26 7.57
O7 NAG D . 1.36 -29.77 7.95
C1 FUL D . 0.94 -25.58 10.37
C2 FUL D . -0.36 -25.51 11.21
O2 FUL D . -0.66 -26.79 11.76
C3 FUL D . -0.29 -24.50 12.35
O3 FUL D . -1.61 -24.33 12.89
C4 FUL D . 0.31 -23.15 11.91
O4 FUL D . -0.72 -22.32 11.32
C5 FUL D . 1.53 -23.28 10.99
C6 FUL D . 1.41 -22.55 9.65
O5 FUL D . 1.94 -24.65 10.82
C1 NAG E . -3.61 0.32 23.23
C2 NAG E . -3.98 -0.87 24.14
C3 NAG E . -4.60 -0.33 25.42
C4 NAG E . -3.60 0.58 26.13
C5 NAG E . -3.33 1.75 25.17
C6 NAG E . -2.47 2.80 25.86
C7 NAG E . -5.09 -2.43 22.49
C8 NAG E . -6.43 -3.06 22.24
N2 NAG E . -5.09 -1.63 23.56
O3 NAG E . -5.05 -1.39 26.29
O4 NAG E . -4.04 1.03 27.43
O5 NAG E . -2.76 1.25 23.95
O6 NAG E . -1.31 3.17 25.12
O7 NAG E . -4.13 -2.64 21.76
C1 NAG E . -3.37 0.22 28.42
C2 NAG E . -3.47 0.89 29.79
C3 NAG E . -3.11 -0.06 30.94
C4 NAG E . -3.44 -1.54 30.71
C5 NAG E . -3.36 -1.97 29.27
C6 NAG E . -4.07 -3.30 29.04
C7 NAG E . -1.83 2.51 30.77
C8 NAG E . -0.37 2.42 30.41
N2 NAG E . -2.70 2.13 29.81
O3 NAG E . -3.82 0.39 32.07
O4 NAG E . -2.55 -2.35 31.46
O5 NAG E . -4.02 -1.01 28.50
O6 NAG E . -5.42 -3.18 29.44
O7 NAG E . -2.18 2.94 31.86
C1 MAN E . -3.20 -3.02 32.57
C2 MAN E . -4.65 -3.52 32.43
C3 MAN E . -5.68 -2.73 33.25
C4 MAN E . -5.16 -2.19 34.58
C5 MAN E . -3.77 -1.56 34.41
C6 MAN E . -3.19 -1.02 35.70
O2 MAN E . -4.71 -4.91 32.73
O3 MAN E . -6.88 -3.51 33.45
O4 MAN E . -6.09 -1.21 35.04
O5 MAN E . -2.85 -2.51 33.86
O6 MAN E . -1.93 -0.41 35.43
C1 FUL E . -0.18 3.18 26.01
C2 FUL E . -0.01 4.57 26.63
O2 FUL E . -1.01 4.81 27.62
C3 FUL E . 1.36 4.73 27.31
O3 FUL E . 1.51 6.09 27.71
C4 FUL E . 2.46 4.34 26.33
O4 FUL E . 2.44 5.24 25.22
C5 FUL E . 2.26 2.90 25.89
C6 FUL E . 3.33 2.40 24.94
O5 FUL E . 0.97 2.77 25.27
C1 NAG F . -2.14 -22.65 -7.91
C2 NAG F . -2.95 -23.11 -9.13
C3 NAG F . -2.69 -24.56 -9.52
C4 NAG F . -1.31 -25.11 -9.11
C5 NAG F . -0.33 -24.15 -8.40
C6 NAG F . 1.01 -24.11 -9.12
C7 NAG F . -5.02 -21.94 -9.59
C8 NAG F . -5.47 -22.27 -10.99
N2 NAG F . -4.37 -22.91 -8.93
O3 NAG F . -2.93 -24.75 -10.90
O4 NAG F . -1.51 -26.24 -8.28
O5 NAG F . -0.79 -22.81 -8.26
O6 NAG F . 1.00 -24.92 -10.28
O7 NAG F . -5.25 -20.83 -9.10
C1 NAG F . -0.77 -27.40 -8.70
C2 NAG F . -1.25 -28.54 -7.79
C3 NAG F . -0.57 -29.85 -8.14
C4 NAG F . -0.71 -30.17 -9.63
C5 NAG F . -0.32 -28.96 -10.49
C6 NAG F . -0.61 -29.18 -11.97
C7 NAG F . -0.48 -27.30 -5.77
C8 NAG F . 0.83 -27.71 -5.15
N2 NAG F . -1.16 -28.28 -6.37
O3 NAG F . -1.21 -30.86 -7.38
O4 NAG F . 0.04 -31.33 -9.93
O5 NAG F . -0.99 -27.78 -10.06
O6 NAG F . -0.67 -27.95 -12.66
O7 NAG F . -0.87 -26.12 -5.70
C1 BMA F . -0.84 -32.45 -10.17
C2 BMA F . -0.02 -33.63 -10.69
C3 BMA F . -0.96 -34.74 -11.13
C4 BMA F . -2.07 -35.07 -10.12
C5 BMA F . -2.54 -33.89 -9.25
C6 BMA F . -3.03 -34.41 -7.91
O2 BMA F . 0.84 -34.09 -9.63
O3 BMA F . -0.21 -35.93 -11.41
O4 BMA F . -3.20 -35.59 -10.83
O5 BMA F . -1.51 -32.93 -9.00
O6 BMA F . -1.91 -34.67 -7.05
C1 FUL F . 1.17 -24.10 -11.44
C2 FUL F . 0.61 -24.79 -12.68
O2 FUL F . -0.72 -25.26 -12.44
C3 FUL F . 0.62 -23.81 -13.84
O3 FUL F . 0.23 -24.53 -15.00
C4 FUL F . 1.99 -23.15 -14.04
O4 FUL F . 2.76 -23.88 -15.02
C5 FUL F . 2.76 -22.86 -12.73
C6 FUL F . 4.27 -22.70 -12.90
O5 FUL F . 2.55 -23.82 -11.69
C1 NAG G . -16.60 -15.75 31.99
C2 NAG G . -16.81 -16.35 33.37
C3 NAG G . -15.91 -17.56 33.57
C4 NAG G . -16.10 -18.59 32.45
C5 NAG G . -16.04 -17.91 31.09
C6 NAG G . -16.43 -18.87 29.98
C7 NAG G . -16.97 -15.10 35.49
C8 NAG G . -18.22 -15.85 35.82
N2 NAG G . -16.34 -15.37 34.34
O3 NAG G . -16.22 -18.18 34.83
O4 NAG G . -15.10 -19.61 32.48
O5 NAG G . -16.93 -16.79 31.06
O6 NAG G . -15.51 -19.97 29.96
O7 NAG G . -16.52 -14.27 36.27
C1 NAG G . -15.66 -20.75 33.13
C2 NAG G . -15.06 -22.03 32.57
C3 NAG G . -15.14 -23.22 33.54
C4 NAG G . -15.21 -22.87 35.02
C5 NAG G . -16.04 -21.62 35.25
C6 NAG G . -16.06 -21.19 36.72
C7 NAG G . -15.88 -23.60 30.85
C8 NAG G . -17.25 -24.20 30.83
N2 NAG G . -15.76 -22.37 31.34
O3 NAG G . -14.02 -24.05 33.30
O4 NAG G . -15.79 -23.97 35.70
O5 NAG G . -15.41 -20.61 34.51
O6 NAG G . -16.53 -19.86 36.81
O7 NAG G . -14.93 -24.26 30.43
C1 NAG H . -20.50 -6.02 11.14
C2 NAG H . -21.12 -5.01 12.09
C3 NAG H . -22.25 -5.63 12.90
C4 NAG H . -23.31 -6.09 11.94
C5 NAG H . -22.76 -6.98 10.82
C6 NAG H . -23.75 -7.02 9.67
C7 NAG H . -19.45 -3.52 13.04
C8 NAG H . -18.42 -3.34 14.12
N2 NAG H . -20.09 -4.69 13.07
O3 NAG H . -22.80 -4.67 13.81
O4 NAG H . -24.34 -6.77 12.68
O5 NAG H . -21.52 -6.50 10.27
O6 NAG H . -23.46 -5.95 8.77
O7 NAG H . -19.67 -2.67 12.19
C1 NAG H . -25.56 -6.00 12.65
C2 NAG H . -26.05 -5.69 14.06
C3 NAG H . -27.33 -4.86 14.07
C4 NAG H . -27.66 -4.03 12.82
C5 NAG H . -26.80 -4.33 11.58
C6 NAG H . -26.74 -3.13 10.64
C7 NAG H . -25.38 -7.50 15.55
C8 NAG H . -24.97 -8.88 15.14
N2 NAG H . -26.29 -6.93 14.78
O3 NAG H . -27.32 -4.00 15.19
O4 NAG H . -29.01 -4.23 12.43
O5 NAG H . -25.51 -4.79 11.92
O6 NAG H . -25.80 -2.19 11.09
O7 NAG H . -24.89 -6.94 16.53
C1 BMA H . -29.99 -3.45 13.16
C2 BMA H . -29.80 -1.94 12.95
C3 BMA H . -30.99 -1.10 13.44
C4 BMA H . -32.34 -1.70 13.07
C5 BMA H . -32.37 -3.14 13.56
C6 BMA H . -33.76 -3.77 13.45
O2 BMA H . -29.48 -1.65 11.58
O3 BMA H . -30.90 0.25 12.98
O4 BMA H . -33.40 -0.94 13.66
O5 BMA H . -31.35 -3.88 12.87
O6 BMA H . -34.56 -3.16 14.48
C1 BMA H . -35.90 -3.65 14.71
C2 BMA H . -35.99 -5.17 14.79
C3 BMA H . -37.43 -5.62 15.12
C4 BMA H . -38.01 -4.89 16.35
C5 BMA H . -37.81 -3.39 16.18
C6 BMA H . -38.25 -2.62 17.43
O2 BMA H . -35.07 -5.58 15.78
O3 BMA H . -37.70 -7.02 15.06
O4 BMA H . -39.38 -5.21 16.46
O5 BMA H . -36.46 -3.09 15.90
O6 BMA H . -37.54 -3.05 18.57
C1 MAN H . -37.42 -7.78 16.25
C2 MAN H . -35.99 -8.33 16.26
C3 MAN H . -35.87 -9.77 15.75
C4 MAN H . -36.98 -10.65 16.32
C5 MAN H . -38.34 -10.01 16.06
C6 MAN H . -39.49 -10.87 16.59
O2 MAN H . -35.39 -8.16 17.53
O3 MAN H . -34.58 -10.31 16.06
O4 MAN H . -36.90 -11.94 15.75
O5 MAN H . -38.43 -8.71 16.63
O6 MAN H . -39.45 -10.91 18.01
C1 FUL H . -24.55 -5.69 7.89
C2 FUL H . -24.13 -5.90 6.43
O2 FUL H . -24.68 -7.12 5.92
C3 FUL H . -24.52 -4.72 5.54
O3 FUL H . -23.99 -4.88 4.22
C4 FUL H . -24.06 -3.41 6.16
O4 FUL H . -22.63 -3.32 6.15
C5 FUL H . -24.61 -3.22 7.58
C6 FUL H . -23.67 -2.51 8.54
O5 FUL H . -25.17 -4.41 8.15
C1 NAG I . -0.62 -12.87 -16.60
C2 NAG I . -1.00 -13.64 -17.87
C3 NAG I . -2.27 -14.45 -17.60
C4 NAG I . -2.15 -15.37 -16.37
C5 NAG I . -1.53 -14.58 -15.19
C6 NAG I . -1.10 -15.51 -14.07
C7 NAG I . -0.83 -13.18 -20.25
C8 NAG I . 0.45 -12.62 -20.81
N2 NAG I . -1.16 -12.77 -19.02
O3 NAG I . -2.69 -15.14 -18.75
O4 NAG I . -3.46 -15.79 -16.03
O5 NAG I . -0.39 -13.83 -15.58
O6 NAG I . -2.21 -15.86 -13.29
O7 NAG I . -1.50 -13.97 -20.91
C1 NAG I . -3.59 -17.15 -15.55
C2 NAG I . -4.99 -17.27 -14.91
C3 NAG I . -5.24 -18.69 -14.44
C4 NAG I . -5.26 -19.40 -15.78
C5 NAG I . -3.82 -19.47 -16.27
C6 NAG I . -3.64 -20.37 -17.50
C7 NAG I . -6.51 -15.64 -13.92
C8 NAG I . -6.50 -14.18 -13.58
N2 NAG I . -5.32 -16.26 -13.92
O3 NAG I . -6.47 -18.79 -13.75
O4 NAG I . -6.07 -20.56 -15.87
O5 NAG I . -3.37 -18.15 -16.54
O6 NAG I . -4.31 -19.82 -18.61
O7 NAG I . -7.57 -16.20 -14.19
C1 BMA I . -7.34 -20.13 -16.43
C2 BMA I . -8.14 -21.27 -17.08
C3 BMA I . -9.16 -21.98 -16.16
C4 BMA I . -9.81 -21.04 -15.14
C5 BMA I . -9.47 -19.55 -15.27
C6 BMA I . -9.77 -18.80 -13.97
O2 BMA I . -7.29 -22.19 -17.76
O3 BMA I . -8.69 -23.21 -15.55
O4 BMA I . -11.23 -21.14 -15.26
O5 BMA I . -8.07 -19.32 -15.49
O6 BMA I . -11.16 -18.80 -13.64
C1 BMA I . -8.97 -24.42 -16.32
C2 BMA I . -8.71 -25.74 -15.59
C3 BMA I . -8.43 -26.71 -16.75
C4 BMA I . -9.63 -26.84 -17.69
C5 BMA I . -10.31 -25.50 -18.02
C6 BMA I . -11.75 -25.66 -18.52
O2 BMA I . -9.81 -26.08 -14.75
O3 BMA I . -8.01 -27.99 -16.31
O4 BMA I . -9.23 -27.48 -18.88
O5 BMA I . -10.25 -24.53 -16.96
O6 BMA I . -12.46 -26.72 -17.92
C1 MAN I . -10.15 -27.49 -14.69
C2 MAN I . -11.61 -27.87 -14.38
C3 MAN I . -11.76 -28.35 -12.92
C4 MAN I . -10.64 -29.34 -12.57
C5 MAN I . -9.27 -28.71 -12.81
C6 MAN I . -8.12 -29.68 -12.56
O2 MAN I . -12.15 -28.79 -15.33
O3 MAN I . -13.01 -28.96 -12.72
O4 MAN I . -10.84 -29.92 -11.30
O5 MAN I . -9.17 -28.36 -14.17
O6 MAN I . -7.16 -29.57 -13.60
C1 BMA I . -11.64 -30.13 -15.13
C2 BMA I . -12.72 -31.21 -15.03
C3 BMA I . -12.07 -32.59 -14.83
C4 BMA I . -10.58 -32.54 -14.47
C5 BMA I . -9.76 -31.52 -15.26
C6 BMA I . -8.84 -32.18 -16.26
O2 BMA I . -13.53 -31.17 -16.18
O3 BMA I . -12.25 -33.44 -15.94
O4 BMA I . -10.44 -32.33 -13.08
O5 BMA I . -10.54 -30.54 -15.91
O6 BMA I . -7.72 -31.36 -16.47
C1 MAN I . -11.38 -19.43 -12.36
C2 MAN I . -12.72 -20.14 -12.31
C3 MAN I . -13.89 -19.19 -12.12
C4 MAN I . -13.61 -17.91 -11.31
C5 MAN I . -12.15 -17.58 -11.00
C6 MAN I . -12.04 -17.11 -9.55
O2 MAN I . -12.70 -21.08 -11.27
O3 MAN I . -14.96 -19.89 -11.52
O4 MAN I . -14.18 -16.81 -11.96
O5 MAN I . -11.20 -18.62 -11.20
O6 MAN I . -12.45 -18.13 -8.68
C1 NAG J . -19.48 -4.50 21.70
C2 NAG J . -19.50 -5.34 22.98
C3 NAG J . -20.23 -6.68 22.86
C4 NAG J . -21.63 -6.54 22.25
C5 NAG J . -21.46 -5.75 20.95
C6 NAG J . -22.79 -5.49 20.24
C7 NAG J . -17.66 -4.89 24.50
C8 NAG J . -16.26 -5.25 24.91
N2 NAG J . -18.15 -5.56 23.45
O3 NAG J . -20.33 -7.30 24.13
O4 NAG J . -22.22 -7.81 22.01
O5 NAG J . -20.80 -4.50 21.18
O6 NAG J . -23.57 -4.57 20.97
O7 NAG J . -18.28 -4.01 25.09
C1 NAG J . -23.31 -8.15 22.92
C2 NAG J . -24.55 -8.69 22.15
C3 NAG J . -25.61 -9.33 23.08
C4 NAG J . -25.02 -10.21 24.20
C5 NAG J . -23.94 -9.36 24.89
C6 NAG J . -23.36 -10.03 26.13
C7 NAG J . -25.97 -7.76 20.29
C8 NAG J . -26.37 -6.50 19.58
N2 NAG J . -25.15 -7.62 21.34
O3 NAG J . -26.54 -10.08 22.33
O4 NAG J . -26.03 -10.64 25.11
O5 NAG J . -22.91 -9.04 23.95
O6 NAG J . -24.29 -9.91 27.19
O7 NAG J . -26.41 -8.84 19.86
C1 BMA J . -26.30 -12.07 25.05
C2 BMA J . -26.74 -12.62 26.43
C3 BMA J . -27.35 -14.04 26.39
C4 BMA J . -28.24 -14.25 25.17
C5 BMA J . -27.47 -13.86 23.91
C6 BMA J . -28.19 -14.27 22.63
O2 BMA J . -27.64 -11.72 27.10
O3 BMA J . -28.11 -14.34 27.58
O4 BMA J . -28.65 -15.62 25.11
O5 BMA J . -27.19 -12.44 23.98
O6 BMA J . -27.85 -13.45 21.50
C1 MAN J . -27.39 -15.27 28.42
C2 MAN J . -28.36 -16.17 29.21
C3 MAN J . -29.07 -15.34 30.29
C4 MAN J . -28.10 -14.50 31.13
C5 MAN J . -27.17 -13.72 30.20
C6 MAN J . -26.14 -12.87 30.95
O2 MAN J . -27.58 -17.26 29.72
O3 MAN J . -29.93 -16.08 31.11
O4 MAN J . -28.84 -13.63 31.97
O5 MAN J . -26.51 -14.61 29.32
O6 MAN J . -25.95 -11.67 30.23
C1 MAN J . -28.31 -18.14 30.62
C2 MAN J . -27.49 -18.41 31.90
C3 MAN J . -27.95 -19.62 32.74
C4 MAN J . -29.08 -20.42 32.12
C5 MAN J . -28.93 -20.50 30.61
C6 MAN J . -29.99 -21.40 29.98
O2 MAN J . -27.45 -17.25 32.69
O3 MAN J . -28.32 -19.20 34.04
O4 MAN J . -29.07 -21.71 32.70
O5 MAN J . -29.01 -19.21 30.01
O6 MAN J . -29.77 -21.50 28.58
C1 MAN J . -26.91 -14.07 20.61
C2 MAN J . -26.48 -13.07 19.53
C3 MAN J . -27.49 -13.01 18.39
C4 MAN J . -27.84 -14.39 17.84
C5 MAN J . -28.22 -15.35 18.99
C6 MAN J . -28.43 -16.77 18.49
O2 MAN J . -25.21 -13.44 19.05
O3 MAN J . -27.02 -12.16 17.35
O4 MAN J . -28.90 -14.30 16.91
O5 MAN J . -27.27 -15.34 20.05
O6 MAN J . -27.21 -17.35 18.09
C1 NAG K . 21.14 -7.53 4.87
C2 NAG K . 21.10 -7.96 3.40
C3 NAG K . 19.93 -8.92 3.15
C4 NAG K . 20.02 -10.08 4.14
C5 NAG K . 20.03 -9.55 5.58
C6 NAG K . 20.25 -10.69 6.58
C7 NAG K . 20.07 -6.07 2.14
C8 NAG K . 19.50 -6.28 0.77
N2 NAG K . 21.13 -6.82 2.48
O3 NAG K . 20.01 -9.41 1.83
O4 NAG K . 19.06 -11.06 3.88
O5 NAG K . 21.13 -8.66 5.73
O6 NAG K . 20.82 -10.18 7.75
O7 NAG K . 19.58 -5.23 2.89
C1 NAG K . 19.71 -12.18 3.22
C2 NAG K . 18.68 -13.07 2.52
C3 NAG K . 19.40 -14.27 1.90
C4 NAG K . 20.38 -13.72 0.86
C5 NAG K . 21.38 -12.78 1.54
C6 NAG K . 22.32 -12.10 0.55
C7 NAG K . 16.40 -12.88 3.37
C8 NAG K . 16.00 -12.02 4.55
N2 NAG K . 17.61 -13.45 3.43
O3 NAG K . 18.49 -15.16 1.30
O4 NAG K . 21.00 -14.77 0.13
O5 NAG K . 20.70 -11.77 2.29
O6 NAG K . 21.95 -10.75 0.36
O7 NAG K . 15.62 -13.03 2.43
C1 BMA K . 20.67 -14.61 -1.27
C2 BMA K . 21.86 -14.92 -2.19
C3 BMA K . 21.60 -16.06 -3.19
C4 BMA K . 20.75 -17.19 -2.59
C5 BMA K . 19.47 -16.68 -1.89
C6 BMA K . 19.03 -17.48 -0.65
O2 BMA K . 23.06 -15.16 -1.42
O3 BMA K . 22.85 -16.59 -3.72
O4 BMA K . 20.34 -18.09 -3.63
O5 BMA K . 19.45 -15.26 -1.67
O6 BMA K . 19.98 -18.48 -0.25
C1 MAN K . 23.02 -16.23 -5.10
C2 MAN K . 23.53 -17.38 -5.99
C3 MAN K . 25.02 -17.30 -6.32
C4 MAN K . 25.42 -15.87 -6.62
C5 MAN K . 25.07 -15.03 -5.40
C6 MAN K . 25.59 -13.60 -5.49
O2 MAN K . 22.78 -17.44 -7.18
O3 MAN K . 25.31 -18.11 -7.43
O4 MAN K . 26.79 -15.79 -6.94
O5 MAN K . 23.66 -14.99 -5.32
O6 MAN K . 25.01 -12.97 -6.61
C1 MAN K . 20.47 -18.24 1.08
C2 MAN K . 21.88 -17.61 1.12
C3 MAN K . 22.91 -18.57 0.55
C4 MAN K . 22.79 -19.99 1.11
C5 MAN K . 21.40 -20.44 1.61
C6 MAN K . 21.55 -21.27 2.88
O2 MAN K . 22.23 -17.21 2.44
O3 MAN K . 24.21 -18.10 0.77
O4 MAN K . 23.26 -20.88 0.12
O5 MAN K . 20.44 -19.41 1.88
O6 MAN K . 21.88 -20.45 3.98
C1 FUL K . 22.24 -10.41 7.91
C2 FUL K . 23.08 -11.09 6.83
O2 FUL K . 22.61 -10.87 5.51
C3 FUL K . 24.46 -10.48 6.91
O3 FUL K . 25.44 -11.49 6.66
C4 FUL K . 24.73 -9.72 8.22
O4 FUL K . 26.14 -9.52 8.44
C5 FUL K . 24.01 -10.26 9.48
C6 FUL K . 24.79 -11.34 10.22
O5 FUL K . 22.68 -10.73 9.21
C1 NAG L . -13.76 1.34 11.42
C2 NAG L . -13.71 2.87 11.32
C3 NAG L . -14.51 3.50 12.46
C4 NAG L . -15.98 3.02 12.48
C5 NAG L . -16.07 1.50 12.25
C6 NAG L . -17.48 1.07 11.86
C7 NAG L . -11.53 3.65 10.49
C8 NAG L . -10.12 4.00 10.90
N2 NAG L . -12.31 3.26 11.50
O3 NAG L . -14.45 4.92 12.37
O4 NAG L . -16.53 3.40 13.76
O5 NAG L . -15.14 0.97 11.28
O6 NAG L . -17.50 0.28 10.67
O7 NAG L . -11.90 3.71 9.31
C1 NAG L . -17.77 4.15 13.73
C2 NAG L . -18.42 4.03 15.11
C3 NAG L . -19.77 4.74 15.22
C4 NAG L . -19.76 6.14 14.59
C5 NAG L . -18.88 6.24 13.34
C6 NAG L . -18.61 7.70 13.01
C7 NAG L . -18.29 2.26 16.77
C8 NAG L . -16.92 1.68 17.04
N2 NAG L . -18.55 2.64 15.53
O3 NAG L . -20.15 4.86 16.58
O4 NAG L . -21.08 6.48 14.22
O5 NAG L . -17.65 5.55 13.48
O6 NAG L . -18.14 8.39 14.14
O7 NAG L . -19.11 2.36 17.69
C1 BMA L . -21.78 7.22 15.21
C2 BMA L . -22.80 8.10 14.49
C3 BMA L . -23.70 8.83 15.49
C4 BMA L . -24.27 7.91 16.57
C5 BMA L . -23.20 7.00 17.19
C6 BMA L . -23.71 5.93 18.18
O2 BMA L . -23.59 7.29 13.60
O3 BMA L . -24.76 9.49 14.79
O4 BMA L . -24.85 8.73 17.59
O5 BMA L . -22.43 6.35 16.15
O6 BMA L . -25.09 6.05 18.59
C1 MAN L . -25.60 4.76 19.02
C2 MAN L . -27.01 4.42 18.52
C3 MAN L . -28.12 5.01 19.38
C4 MAN L . -27.87 4.75 20.87
C5 MAN L . -26.43 5.07 21.28
C6 MAN L . -26.15 4.56 22.69
O2 MAN L . -27.15 3.01 18.51
O3 MAN L . -29.36 4.45 19.01
O4 MAN L . -28.78 5.55 21.62
O5 MAN L . -25.47 4.49 20.41
O6 MAN L . -25.71 3.22 22.64
C1 NAG M . 15.53 12.09 18.02
C2 NAG M . 16.00 11.48 19.34
C3 NAG M . 17.26 12.12 19.93
C4 NAG M . 18.27 12.60 18.89
C5 NAG M . 17.54 13.29 17.74
C6 NAG M . 18.49 13.80 16.66
C7 NAG M . 14.39 10.46 20.82
C8 NAG M . 15.12 9.74 21.91
N2 NAG M . 14.95 11.56 20.33
O3 NAG M . 17.87 11.19 20.80
O4 NAG M . 19.21 13.46 19.49
O5 NAG M . 16.64 12.36 17.18
O6 NAG M . 17.74 14.42 15.63
O7 NAG M . 13.32 10.03 20.40
C1 NAG N . 21.25 19.03 -0.91
C2 NAG N . 22.73 19.28 -0.60
C3 NAG N . 23.55 19.72 -1.80
C4 NAG N . 23.22 18.94 -3.06
C5 NAG N . 21.73 18.64 -3.19
C6 NAG N . 21.45 17.68 -4.33
C7 NAG N . 23.19 19.93 1.69
C8 NAG N . 24.47 20.52 2.23
N2 NAG N . 22.84 20.27 0.44
O3 NAG N . 24.91 19.52 -1.53
O4 NAG N . 23.65 19.70 -4.16
O5 NAG N . 21.24 18.10 -1.98
O6 NAG N . 21.51 18.38 -5.55
O7 NAG N . 22.51 19.15 2.36
#